data_2PLG
#
_entry.id   2PLG
#
_cell.length_a   98.185
_cell.length_b   98.185
_cell.length_c   144.679
_cell.angle_alpha   90.00
_cell.angle_beta   90.00
_cell.angle_gamma   90.00
#
_symmetry.space_group_name_H-M   'P 41 21 2'
#
loop_
_entity.id
_entity.type
_entity.pdbx_description
1 polymer 'Tll0839 protein'
2 water water
#
_entity_poly.entity_id   1
_entity_poly.type   'polypeptide(L)'
_entity_poly.pdbx_seq_one_letter_code
;(MSE)SLT(MSE)VSEVQPVSPASLDAPLENAVEIIETVISSLHQGDAPLVGQTDSGKIW(MSE)FRYGSAEVFVQLSGH
TEEDFLTIWSPVLPLPVADELALYRKLLTLNWLTTFEAHFAIAEEQVQVVASRTLGGITAGEISRLITIVATLADDYDDA
LRAEFKGEGHHHHHH
;
_entity_poly.pdbx_strand_id   A,B
#
# COMPACT_ATOMS: atom_id res chain seq x y z
N LEU A 3 -7.51 -62.25 16.30
CA LEU A 3 -8.50 -61.13 16.37
C LEU A 3 -7.87 -59.82 15.85
N THR A 4 -8.34 -59.34 14.69
CA THR A 4 -7.83 -58.11 14.08
C THR A 4 -8.10 -56.88 14.94
N MSE A 5 -7.12 -55.97 15.00
CA MSE A 5 -7.25 -54.73 15.77
C MSE A 5 -6.84 -53.53 14.91
O MSE A 5 -5.90 -53.61 14.13
CB MSE A 5 -6.33 -54.76 17.01
CG MSE A 5 -6.54 -55.96 17.93
SE MSE A 5 -7.85 -55.61 19.38
CE MSE A 5 -9.56 -55.94 18.43
N VAL A 6 -7.54 -52.41 15.07
CA VAL A 6 -7.22 -51.21 14.33
C VAL A 6 -7.17 -50.04 15.30
N SER A 7 -5.95 -49.66 15.69
CA SER A 7 -5.71 -48.56 16.62
C SER A 7 -6.32 -47.23 16.21
N GLU A 8 -6.14 -46.86 14.95
CA GLU A 8 -6.64 -45.59 14.44
C GLU A 8 -7.63 -45.80 13.31
N VAL A 9 -8.92 -45.78 13.66
CA VAL A 9 -9.98 -45.96 12.69
C VAL A 9 -9.99 -44.82 11.67
N GLN A 10 -9.45 -43.67 12.06
CA GLN A 10 -9.39 -42.54 11.15
C GLN A 10 -8.14 -41.70 11.40
N PRO A 11 -6.99 -42.19 10.93
CA PRO A 11 -5.70 -41.52 11.09
C PRO A 11 -5.67 -40.05 10.68
N VAL A 12 -6.21 -39.72 9.52
CA VAL A 12 -6.21 -38.34 9.08
C VAL A 12 -7.59 -37.97 8.57
N SER A 13 -7.83 -36.67 8.47
CA SER A 13 -9.12 -36.22 8.02
C SER A 13 -9.03 -34.83 7.43
N PRO A 14 -9.95 -34.51 6.51
CA PRO A 14 -9.91 -33.17 5.90
C PRO A 14 -10.03 -32.12 6.99
N ALA A 15 -8.96 -31.35 7.18
CA ALA A 15 -8.94 -30.32 8.19
C ALA A 15 -9.92 -29.22 7.82
N SER A 16 -10.70 -28.77 8.81
CA SER A 16 -11.63 -27.67 8.56
C SER A 16 -10.77 -26.50 9.02
N LEU A 17 -10.10 -25.92 8.04
CA LEU A 17 -9.16 -24.83 8.26
C LEU A 17 -9.70 -23.41 8.37
N ASP A 18 -9.36 -22.75 9.46
CA ASP A 18 -9.75 -21.36 9.65
C ASP A 18 -9.09 -20.65 8.46
N ALA A 19 -9.84 -19.79 7.76
CA ALA A 19 -9.27 -19.07 6.60
C ALA A 19 -8.89 -17.65 7.02
N PRO A 20 -7.86 -17.06 6.38
CA PRO A 20 -7.46 -15.71 6.75
C PRO A 20 -8.53 -14.65 6.52
N LEU A 21 -9.39 -14.85 5.53
CA LEU A 21 -10.45 -13.89 5.25
C LEU A 21 -11.53 -13.92 6.33
N GLU A 22 -12.13 -15.09 6.55
CA GLU A 22 -13.17 -15.22 7.55
C GLU A 22 -12.64 -15.09 8.97
N ASN A 23 -11.34 -15.26 9.16
CA ASN A 23 -10.76 -15.18 10.49
C ASN A 23 -9.75 -14.07 10.68
N ALA A 24 -9.91 -12.97 9.94
CA ALA A 24 -8.96 -11.87 10.08
C ALA A 24 -8.90 -11.40 11.52
N VAL A 25 -10.01 -11.49 12.25
CA VAL A 25 -10.07 -11.05 13.64
C VAL A 25 -9.08 -11.79 14.55
N GLU A 26 -9.18 -13.11 14.59
CA GLU A 26 -8.28 -13.88 15.44
C GLU A 26 -6.82 -13.59 15.09
N ILE A 27 -6.55 -13.35 13.80
CA ILE A 27 -5.18 -13.06 13.38
C ILE A 27 -4.73 -11.69 13.85
N ILE A 28 -5.57 -10.68 13.66
CA ILE A 28 -5.24 -9.32 14.09
C ILE A 28 -4.97 -9.33 15.59
N GLU A 29 -5.76 -10.12 16.31
CA GLU A 29 -5.63 -10.23 17.76
C GLU A 29 -4.33 -10.87 18.24
N THR A 30 -3.91 -11.97 17.62
CA THR A 30 -2.68 -12.61 18.07
C THR A 30 -1.51 -11.76 17.62
N VAL A 31 -1.69 -10.99 16.57
CA VAL A 31 -0.62 -10.11 16.11
C VAL A 31 -0.45 -8.95 17.08
N ILE A 32 -1.55 -8.31 17.46
CA ILE A 32 -1.48 -7.19 18.39
C ILE A 32 -1.05 -7.68 19.76
N SER A 33 -1.42 -8.90 20.09
CA SER A 33 -1.07 -9.50 21.36
C SER A 33 0.44 -9.49 21.61
N SER A 34 1.21 -9.72 20.55
CA SER A 34 2.68 -9.74 20.67
C SER A 34 3.37 -8.44 20.31
N LEU A 35 2.75 -7.64 19.46
CA LEU A 35 3.36 -6.41 19.02
C LEU A 35 3.26 -5.26 20.01
N HIS A 36 2.14 -5.16 20.70
CA HIS A 36 1.93 -4.06 21.64
C HIS A 36 2.91 -4.03 22.81
N GLN A 37 3.30 -2.81 23.15
CA GLN A 37 4.20 -2.52 24.25
C GLN A 37 3.51 -1.44 25.08
N GLY A 38 2.48 -1.82 25.81
CA GLY A 38 1.78 -0.83 26.62
C GLY A 38 0.65 -1.46 27.40
N ASP A 39 -0.43 -0.70 27.57
CA ASP A 39 -1.58 -1.21 28.30
C ASP A 39 -2.26 -2.30 27.52
N ALA A 40 -3.10 -3.07 28.18
CA ALA A 40 -3.82 -4.11 27.50
C ALA A 40 -4.56 -3.39 26.37
N PRO A 41 -4.36 -3.83 25.12
CA PRO A 41 -5.04 -3.18 24.00
C PRO A 41 -6.53 -3.05 24.24
N LEU A 42 -7.13 -2.04 23.62
CA LEU A 42 -8.56 -1.81 23.75
C LEU A 42 -9.24 -2.24 22.46
N VAL A 43 -10.54 -2.52 22.51
CA VAL A 43 -11.28 -2.91 21.32
C VAL A 43 -12.68 -2.29 21.37
N GLY A 44 -13.21 -1.93 20.21
CA GLY A 44 -14.52 -1.34 20.13
C GLY A 44 -15.15 -1.56 18.77
N GLN A 45 -16.39 -1.06 18.60
CA GLN A 45 -17.13 -1.17 17.34
C GLN A 45 -17.43 0.21 16.76
N THR A 46 -17.13 0.39 15.48
CA THR A 46 -17.41 1.64 14.78
C THR A 46 -18.46 1.30 13.72
N ASP A 47 -19.16 2.31 13.19
CA ASP A 47 -20.16 1.98 12.16
C ASP A 47 -19.43 1.36 10.98
N SER A 48 -18.14 1.64 10.89
CA SER A 48 -17.32 1.07 9.81
C SER A 48 -16.67 -0.25 10.24
N GLY A 49 -17.07 -0.81 11.38
CA GLY A 49 -16.52 -2.10 11.81
C GLY A 49 -15.79 -2.21 13.15
N LYS A 50 -15.17 -3.36 13.40
CA LYS A 50 -14.42 -3.59 14.63
C LYS A 50 -13.16 -2.69 14.61
N ILE A 51 -12.65 -2.31 15.78
CA ILE A 51 -11.47 -1.47 15.82
C ILE A 51 -10.64 -1.74 17.08
N TRP A 52 -9.33 -1.73 16.94
CA TRP A 52 -8.43 -1.98 18.06
C TRP A 52 -7.47 -0.83 18.27
N MSE A 53 -7.14 -0.57 19.53
CA MSE A 53 -6.20 0.48 19.88
C MSE A 53 -5.12 -0.09 20.79
O MSE A 53 -5.42 -0.76 21.79
CB MSE A 53 -6.90 1.64 20.59
CG MSE A 53 -8.04 2.27 19.81
SE MSE A 53 -9.72 1.27 19.93
CE MSE A 53 -9.94 1.36 21.85
N PHE A 54 -3.86 0.17 20.45
CA PHE A 54 -2.73 -0.28 21.25
C PHE A 54 -1.56 0.67 21.11
N ARG A 55 -0.54 0.44 21.91
CA ARG A 55 0.65 1.29 21.89
C ARG A 55 1.89 0.52 21.46
N TYR A 56 2.67 1.16 20.59
CA TYR A 56 3.92 0.59 20.13
C TYR A 56 4.93 1.72 20.27
N GLY A 57 5.90 1.54 21.15
CA GLY A 57 6.88 2.58 21.36
C GLY A 57 6.15 3.80 21.89
N SER A 58 6.38 4.95 21.24
CA SER A 58 5.76 6.20 21.63
C SER A 58 4.47 6.51 20.87
N ALA A 59 4.06 5.60 19.99
CA ALA A 59 2.86 5.82 19.17
C ALA A 59 1.64 5.00 19.53
N GLU A 60 0.47 5.53 19.16
CA GLU A 60 -0.82 4.89 19.39
C GLU A 60 -1.23 4.41 18.01
N VAL A 61 -1.54 3.12 17.91
CA VAL A 61 -1.89 2.53 16.63
C VAL A 61 -3.33 2.03 16.55
N PHE A 62 -3.98 2.34 15.44
CA PHE A 62 -5.36 1.95 15.24
C PHE A 62 -5.47 0.93 14.12
N VAL A 63 -6.27 -0.11 14.38
CA VAL A 63 -6.51 -1.15 13.39
C VAL A 63 -8.03 -1.31 13.28
N GLN A 64 -8.53 -1.24 12.06
CA GLN A 64 -9.97 -1.36 11.80
C GLN A 64 -10.28 -2.39 10.72
N LEU A 65 -11.20 -3.29 11.02
CA LEU A 65 -11.63 -4.33 10.08
C LEU A 65 -13.13 -4.14 9.83
N SER A 66 -13.49 -3.60 8.66
CA SER A 66 -14.88 -3.34 8.35
C SER A 66 -15.76 -4.56 8.03
N GLY A 67 -15.19 -5.75 8.07
CA GLY A 67 -15.97 -6.94 7.78
C GLY A 67 -15.11 -8.07 7.27
N HIS A 68 -15.73 -9.19 6.87
CA HIS A 68 -14.93 -10.30 6.37
C HIS A 68 -15.23 -10.76 4.95
N THR A 69 -15.56 -9.83 4.06
CA THR A 69 -15.76 -10.20 2.67
C THR A 69 -14.60 -9.58 1.87
N GLU A 70 -14.32 -10.16 0.71
CA GLU A 70 -13.24 -9.65 -0.13
C GLU A 70 -13.30 -8.14 -0.37
N GLU A 71 -14.50 -7.59 -0.47
CA GLU A 71 -14.65 -6.16 -0.72
C GLU A 71 -14.43 -5.29 0.52
N ASP A 72 -14.29 -5.93 1.68
CA ASP A 72 -14.08 -5.19 2.92
C ASP A 72 -12.66 -4.64 3.07
N PHE A 73 -12.48 -3.74 4.03
CA PHE A 73 -11.19 -3.09 4.24
C PHE A 73 -10.52 -3.36 5.58
N LEU A 74 -9.20 -3.37 5.56
CA LEU A 74 -8.38 -3.51 6.75
C LEU A 74 -7.63 -2.19 6.72
N THR A 75 -7.84 -1.35 7.71
CA THR A 75 -7.19 -0.05 7.75
C THR A 75 -6.41 0.14 9.03
N ILE A 76 -5.13 0.48 8.88
CA ILE A 76 -4.24 0.66 10.01
C ILE A 76 -3.62 2.05 9.93
N TRP A 77 -3.71 2.79 11.03
CA TRP A 77 -3.16 4.13 11.05
C TRP A 77 -2.66 4.56 12.42
N SER A 78 -1.89 5.63 12.44
CA SER A 78 -1.33 6.17 13.67
C SER A 78 -0.92 7.62 13.49
N PRO A 79 -1.54 8.53 14.26
CA PRO A 79 -1.22 9.96 14.19
C PRO A 79 0.19 10.21 14.69
N VAL A 80 1.00 10.92 13.91
CA VAL A 80 2.39 11.17 14.26
C VAL A 80 2.79 12.64 14.51
N LEU A 81 1.94 13.59 14.12
CA LEU A 81 2.28 14.99 14.34
C LEU A 81 1.08 15.93 14.25
N PRO A 82 0.81 16.68 15.33
CA PRO A 82 -0.32 17.61 15.33
C PRO A 82 -0.02 18.86 14.51
N LEU A 83 -1.02 19.31 13.76
CA LEU A 83 -0.91 20.49 12.91
C LEU A 83 -1.76 21.63 13.49
N PRO A 84 -1.56 22.87 13.04
CA PRO A 84 -0.60 23.30 12.02
C PRO A 84 0.82 23.31 12.56
N VAL A 85 1.76 23.67 11.71
CA VAL A 85 3.16 23.73 12.07
C VAL A 85 3.71 25.01 11.42
N ALA A 86 4.80 25.54 11.95
CA ALA A 86 5.36 26.79 11.42
C ALA A 86 5.71 26.72 9.93
N ASP A 87 6.44 25.69 9.52
CA ASP A 87 6.81 25.56 8.13
C ASP A 87 6.15 24.33 7.48
N GLU A 88 4.86 24.43 7.17
CA GLU A 88 4.14 23.33 6.56
C GLU A 88 4.68 22.91 5.19
N LEU A 89 5.23 23.84 4.43
CA LEU A 89 5.75 23.51 3.10
C LEU A 89 6.92 22.55 3.21
N ALA A 90 7.89 22.88 4.05
CA ALA A 90 9.04 22.02 4.22
C ALA A 90 8.61 20.67 4.81
N LEU A 91 7.50 20.66 5.54
CA LEU A 91 6.98 19.43 6.14
C LEU A 91 6.32 18.56 5.07
N TYR A 92 5.32 19.14 4.41
CA TYR A 92 4.61 18.42 3.38
C TYR A 92 5.52 17.86 2.29
N ARG A 93 6.54 18.62 1.89
CA ARG A 93 7.44 18.13 0.86
C ARG A 93 8.26 16.94 1.36
N LYS A 94 8.54 16.90 2.66
CA LYS A 94 9.31 15.79 3.21
C LYS A 94 8.43 14.55 3.28
N LEU A 95 7.22 14.72 3.80
CA LEU A 95 6.27 13.63 3.92
C LEU A 95 6.06 13.02 2.55
N LEU A 96 5.89 13.84 1.53
CA LEU A 96 5.69 13.31 0.19
C LEU A 96 6.94 12.67 -0.42
N THR A 97 8.12 13.14 -0.03
CA THR A 97 9.35 12.56 -0.56
C THR A 97 9.56 11.20 0.10
N LEU A 98 9.26 11.13 1.39
CA LEU A 98 9.37 9.88 2.14
C LEU A 98 8.38 8.87 1.59
N ASN A 99 7.22 9.36 1.14
CA ASN A 99 6.20 8.51 0.59
C ASN A 99 6.65 7.73 -0.65
N TRP A 100 7.86 8.02 -1.10
CA TRP A 100 8.43 7.35 -2.26
C TRP A 100 9.28 6.15 -1.84
N LEU A 101 8.65 4.97 -1.89
CA LEU A 101 9.26 3.68 -1.55
C LEU A 101 9.62 3.49 -0.08
N THR A 102 10.20 4.51 0.54
CA THR A 102 10.62 4.45 1.95
C THR A 102 9.56 4.02 2.98
N THR A 103 8.30 4.32 2.72
CA THR A 103 7.23 3.94 3.63
C THR A 103 6.60 2.59 3.31
N PHE A 104 7.09 1.96 2.25
CA PHE A 104 6.59 0.66 1.82
C PHE A 104 5.09 0.66 1.51
N GLU A 105 4.33 -0.24 2.13
CA GLU A 105 2.88 -0.33 1.90
C GLU A 105 2.06 0.80 2.54
N ALA A 106 2.68 1.49 3.49
CA ALA A 106 2.02 2.57 4.17
C ALA A 106 2.47 3.88 3.55
N HIS A 107 1.97 5.00 4.06
CA HIS A 107 2.36 6.32 3.57
C HIS A 107 1.85 7.41 4.50
N PHE A 108 2.37 8.62 4.36
CA PHE A 108 1.93 9.73 5.18
C PHE A 108 0.70 10.40 4.56
N ALA A 109 -0.18 10.90 5.42
CA ALA A 109 -1.39 11.60 4.98
C ALA A 109 -1.78 12.63 6.03
N ILE A 110 -2.81 13.42 5.71
CA ILE A 110 -3.29 14.45 6.62
C ILE A 110 -4.75 14.21 6.91
N ALA A 111 -5.11 14.19 8.19
CA ALA A 111 -6.50 14.00 8.57
C ALA A 111 -6.67 14.40 10.01
N GLU A 112 -7.85 14.90 10.33
CA GLU A 112 -8.17 15.29 11.69
C GLU A 112 -7.11 16.21 12.32
N GLU A 113 -6.65 17.19 11.54
CA GLU A 113 -5.65 18.15 12.03
C GLU A 113 -4.33 17.51 12.44
N GLN A 114 -4.05 16.32 11.90
CA GLN A 114 -2.81 15.64 12.24
C GLN A 114 -2.20 14.95 11.05
N VAL A 115 -0.90 14.67 11.13
CA VAL A 115 -0.21 13.93 10.08
C VAL A 115 -0.35 12.50 10.55
N GLN A 116 -0.82 11.63 9.66
CA GLN A 116 -1.02 10.23 10.00
C GLN A 116 -0.19 9.30 9.13
N VAL A 117 0.20 8.17 9.69
CA VAL A 117 0.90 7.13 8.93
C VAL A 117 -0.25 6.16 8.72
N VAL A 118 -0.49 5.76 7.49
CA VAL A 118 -1.62 4.86 7.25
C VAL A 118 -1.38 3.88 6.11
N ALA A 119 -2.07 2.75 6.19
CA ALA A 119 -2.01 1.72 5.17
C ALA A 119 -3.43 1.18 5.11
N SER A 120 -3.98 1.08 3.91
CA SER A 120 -5.35 0.62 3.76
C SER A 120 -5.49 -0.33 2.59
N ARG A 121 -6.20 -1.44 2.79
CA ARG A 121 -6.38 -2.40 1.72
C ARG A 121 -7.59 -3.29 1.83
N THR A 122 -7.97 -3.82 0.68
CA THR A 122 -9.10 -4.72 0.57
C THR A 122 -8.68 -6.09 1.10
N LEU A 123 -9.64 -6.88 1.56
CA LEU A 123 -9.32 -8.18 2.12
C LEU A 123 -9.13 -9.32 1.14
N GLY A 124 -9.43 -9.10 -0.14
CA GLY A 124 -9.27 -10.15 -1.12
C GLY A 124 -7.84 -10.63 -1.27
N GLY A 125 -7.63 -11.94 -1.13
CA GLY A 125 -6.30 -12.51 -1.27
C GLY A 125 -5.35 -12.25 -0.11
N ILE A 126 -5.91 -11.86 1.03
CA ILE A 126 -5.09 -11.55 2.19
C ILE A 126 -4.66 -12.79 2.99
N THR A 127 -3.45 -12.74 3.52
CA THR A 127 -2.89 -13.84 4.29
C THR A 127 -2.54 -13.39 5.71
N ALA A 128 -2.23 -14.32 6.59
CA ALA A 128 -1.89 -13.97 7.95
C ALA A 128 -0.58 -13.20 7.95
N GLY A 129 0.37 -13.63 7.12
CA GLY A 129 1.66 -12.96 7.05
C GLY A 129 1.56 -11.49 6.65
N GLU A 130 0.60 -11.18 5.76
CA GLU A 130 0.40 -9.82 5.29
C GLU A 130 -0.22 -8.94 6.38
N ILE A 131 -1.15 -9.52 7.13
CA ILE A 131 -1.82 -8.81 8.21
C ILE A 131 -0.78 -8.50 9.28
N SER A 132 0.09 -9.44 9.55
CA SER A 132 1.12 -9.20 10.53
C SER A 132 2.09 -8.14 10.04
N ARG A 133 2.40 -8.17 8.75
CA ARG A 133 3.33 -7.22 8.17
C ARG A 133 2.82 -5.77 8.13
N LEU A 134 1.56 -5.57 7.72
CA LEU A 134 1.00 -4.23 7.64
C LEU A 134 0.87 -3.53 8.97
N ILE A 135 0.44 -4.23 10.01
CA ILE A 135 0.31 -3.62 11.32
C ILE A 135 1.69 -3.24 11.86
N THR A 136 2.67 -4.09 11.60
CA THR A 136 4.04 -3.84 12.04
C THR A 136 4.65 -2.65 11.31
N ILE A 137 4.46 -2.60 10.01
CA ILE A 137 5.01 -1.49 9.24
C ILE A 137 4.47 -0.14 9.67
N VAL A 138 3.15 -0.03 9.81
CA VAL A 138 2.55 1.23 10.23
C VAL A 138 3.04 1.61 11.63
N ALA A 139 3.07 0.65 12.54
CA ALA A 139 3.52 0.91 13.90
C ALA A 139 4.99 1.33 14.00
N THR A 140 5.89 0.60 13.33
CA THR A 140 7.31 0.92 13.37
C THR A 140 7.60 2.27 12.71
N LEU A 141 6.94 2.55 11.59
CA LEU A 141 7.11 3.83 10.91
C LEU A 141 6.63 4.95 11.84
N ALA A 142 5.47 4.74 12.45
CA ALA A 142 4.89 5.73 13.35
C ALA A 142 5.78 5.98 14.56
N ASP A 143 6.38 4.93 15.10
CA ASP A 143 7.27 5.08 16.26
C ASP A 143 8.59 5.75 15.89
N ASP A 144 9.09 5.48 14.68
CA ASP A 144 10.36 6.09 14.25
C ASP A 144 10.22 7.55 13.88
N TYR A 145 9.13 7.90 13.20
CA TYR A 145 8.93 9.26 12.73
C TYR A 145 8.20 10.27 13.63
N ASP A 146 7.48 9.83 14.64
CA ASP A 146 6.81 10.83 15.47
C ASP A 146 7.80 11.74 16.17
N ASP A 147 8.84 11.17 16.78
CA ASP A 147 9.86 11.96 17.48
C ASP A 147 10.73 12.76 16.50
N ALA A 148 11.23 12.10 15.46
CA ALA A 148 12.07 12.80 14.48
C ALA A 148 11.32 14.02 13.89
N LEU A 149 10.05 13.85 13.51
CA LEU A 149 9.30 14.95 12.93
C LEU A 149 9.06 16.11 13.92
N ARG A 150 8.90 15.83 15.21
CA ARG A 150 8.69 16.91 16.16
C ARG A 150 10.00 17.69 16.32
N ALA A 151 11.11 16.97 16.47
CA ALA A 151 12.40 17.60 16.65
C ALA A 151 12.70 18.56 15.50
N GLU A 152 12.16 18.26 14.32
CA GLU A 152 12.42 19.10 13.16
C GLU A 152 11.36 20.17 12.85
N PHE A 153 10.13 20.02 13.32
CA PHE A 153 9.13 21.03 12.98
C PHE A 153 8.40 21.65 14.17
N LYS A 154 9.01 21.55 15.35
CA LYS A 154 8.44 22.08 16.58
C LYS A 154 9.59 22.55 17.49
N SER B 2 20.30 2.90 -18.14
CA SER B 2 20.26 1.61 -17.38
C SER B 2 19.27 0.64 -18.01
N LEU B 3 18.30 1.20 -18.74
CA LEU B 3 17.30 0.38 -19.42
C LEU B 3 18.00 -0.62 -20.36
N THR B 4 17.33 -1.73 -20.64
CA THR B 4 17.86 -2.78 -21.54
C THR B 4 16.82 -3.86 -21.86
N MSE B 5 17.22 -4.80 -22.73
CA MSE B 5 16.36 -5.89 -23.16
C MSE B 5 14.96 -5.37 -23.42
O MSE B 5 13.97 -6.09 -23.23
CB MSE B 5 16.32 -6.98 -22.10
CG MSE B 5 17.70 -7.40 -21.62
SE MSE B 5 18.88 -7.87 -23.15
CE MSE B 5 18.07 -9.64 -23.59
N VAL B 6 14.86 -4.11 -23.87
CA VAL B 6 13.57 -3.51 -24.17
C VAL B 6 12.92 -4.30 -25.29
N SER B 7 11.62 -4.47 -25.20
CA SER B 7 10.85 -5.22 -26.20
C SER B 7 9.38 -4.94 -25.93
N GLU B 8 8.49 -5.65 -26.60
CA GLU B 8 7.07 -5.45 -26.39
C GLU B 8 6.47 -6.69 -25.73
N VAL B 9 5.45 -6.48 -24.90
CA VAL B 9 4.79 -7.57 -24.20
C VAL B 9 4.02 -8.45 -25.17
N GLN B 10 4.25 -9.75 -25.10
CA GLN B 10 3.54 -10.67 -25.96
C GLN B 10 2.41 -11.27 -25.13
N PRO B 11 1.16 -10.95 -25.53
CA PRO B 11 -0.06 -11.43 -24.86
C PRO B 11 -0.11 -12.96 -24.79
N VAL B 12 0.41 -13.54 -23.71
CA VAL B 12 0.38 -15.01 -23.56
C VAL B 12 -1.05 -15.52 -23.39
N ALA B 19 0.46 -20.74 -8.99
CA ALA B 19 1.67 -20.26 -8.34
C ALA B 19 1.84 -18.75 -8.57
N PRO B 20 1.06 -17.94 -7.83
CA PRO B 20 1.14 -16.47 -7.97
C PRO B 20 2.54 -15.86 -7.89
N LEU B 21 3.52 -16.63 -7.40
CA LEU B 21 4.90 -16.13 -7.30
C LEU B 21 5.75 -16.53 -8.53
N GLU B 22 5.34 -17.61 -9.19
CA GLU B 22 6.04 -18.11 -10.37
C GLU B 22 5.46 -17.51 -11.68
N ASN B 23 4.17 -17.26 -11.69
CA ASN B 23 3.53 -16.70 -12.86
C ASN B 23 3.40 -15.19 -12.65
N ALA B 24 4.19 -14.66 -11.73
CA ALA B 24 4.17 -13.23 -11.42
C ALA B 24 4.28 -12.45 -12.71
N VAL B 25 5.32 -12.74 -13.47
CA VAL B 25 5.55 -12.06 -14.75
C VAL B 25 4.39 -12.28 -15.72
N GLU B 26 3.91 -13.50 -15.86
CA GLU B 26 2.83 -13.76 -16.78
C GLU B 26 1.53 -13.07 -16.33
N ILE B 27 1.34 -12.97 -15.02
CA ILE B 27 0.14 -12.34 -14.45
C ILE B 27 0.14 -10.84 -14.72
N ILE B 28 1.27 -10.19 -14.45
CA ILE B 28 1.39 -8.75 -14.67
C ILE B 28 1.15 -8.44 -16.15
N GLU B 29 1.75 -9.23 -17.04
CA GLU B 29 1.60 -9.02 -18.47
C GLU B 29 0.18 -9.26 -18.97
N THR B 30 -0.53 -10.19 -18.33
CA THR B 30 -1.92 -10.47 -18.70
C THR B 30 -2.79 -9.28 -18.27
N VAL B 31 -2.56 -8.80 -17.05
CA VAL B 31 -3.30 -7.66 -16.51
C VAL B 31 -3.05 -6.44 -17.37
N ILE B 32 -1.78 -6.12 -17.60
CA ILE B 32 -1.41 -4.98 -18.41
C ILE B 32 -1.98 -5.05 -19.83
N SER B 33 -2.03 -6.25 -20.41
CA SER B 33 -2.57 -6.40 -21.76
C SER B 33 -4.04 -6.05 -21.84
N SER B 34 -4.80 -6.46 -20.84
CA SER B 34 -6.22 -6.16 -20.83
C SER B 34 -6.51 -4.72 -20.49
N LEU B 35 -5.63 -4.15 -19.67
CA LEU B 35 -5.79 -2.80 -19.19
C LEU B 35 -5.34 -1.68 -20.11
N HIS B 36 -4.19 -1.87 -20.76
CA HIS B 36 -3.63 -0.85 -21.64
C HIS B 36 -4.50 -0.33 -22.78
N GLN B 37 -4.21 0.89 -23.20
CA GLN B 37 -4.90 1.54 -24.30
C GLN B 37 -3.83 2.08 -25.25
N GLY B 38 -4.07 1.96 -26.55
CA GLY B 38 -3.10 2.46 -27.50
C GLY B 38 -1.98 1.51 -27.90
N ASP B 39 -0.76 2.04 -27.99
CA ASP B 39 0.41 1.25 -28.39
C ASP B 39 0.60 0.06 -27.48
N ALA B 40 1.27 -0.97 -28.00
CA ALA B 40 1.51 -2.19 -27.22
C ALA B 40 2.35 -1.89 -26.00
N PRO B 41 2.12 -2.61 -24.90
CA PRO B 41 2.87 -2.42 -23.66
C PRO B 41 4.33 -2.84 -23.88
N LEU B 42 5.24 -2.18 -23.19
CA LEU B 42 6.66 -2.47 -23.31
C LEU B 42 7.20 -3.19 -22.08
N VAL B 43 8.32 -3.88 -22.24
CA VAL B 43 8.95 -4.61 -21.13
C VAL B 43 10.45 -4.37 -21.23
N GLY B 44 11.12 -4.39 -20.09
CA GLY B 44 12.56 -4.16 -20.11
C GLY B 44 13.27 -4.56 -18.84
N GLN B 45 14.60 -4.48 -18.88
CA GLN B 45 15.43 -4.81 -17.73
C GLN B 45 15.97 -3.54 -17.13
N THR B 46 16.02 -3.50 -15.80
CA THR B 46 16.52 -2.35 -15.07
C THR B 46 17.49 -2.94 -14.07
N ASP B 47 18.43 -2.15 -13.56
CA ASP B 47 19.37 -2.73 -12.61
C ASP B 47 18.70 -3.01 -11.28
N SER B 48 17.49 -2.46 -11.08
CA SER B 48 16.73 -2.68 -9.85
C SER B 48 15.56 -3.65 -10.08
N GLY B 49 15.52 -4.29 -11.24
CA GLY B 49 14.46 -5.26 -11.53
C GLY B 49 13.86 -5.19 -12.93
N LYS B 50 12.94 -6.12 -13.23
CA LYS B 50 12.26 -6.19 -14.53
C LYS B 50 11.16 -5.13 -14.56
N ILE B 51 11.05 -4.40 -15.67
CA ILE B 51 10.05 -3.34 -15.71
C ILE B 51 9.08 -3.38 -16.90
N TRP B 52 7.90 -2.79 -16.72
CA TRP B 52 6.85 -2.76 -17.77
C TRP B 52 6.35 -1.33 -17.95
N MSE B 53 5.85 -1.00 -19.14
CA MSE B 53 5.39 0.36 -19.44
C MSE B 53 4.17 0.35 -20.36
O MSE B 53 4.24 -0.19 -21.48
CB MSE B 53 6.52 1.13 -20.10
CG MSE B 53 7.84 1.10 -19.33
SE MSE B 53 9.44 0.74 -20.45
CE MSE B 53 9.35 -1.22 -20.45
N PHE B 54 3.07 0.94 -19.93
CA PHE B 54 1.87 0.96 -20.77
C PHE B 54 1.08 2.25 -20.60
N ARG B 55 0.12 2.48 -21.49
CA ARG B 55 -0.69 3.68 -21.40
C ARG B 55 -2.09 3.34 -20.92
N TYR B 56 -2.63 4.22 -20.07
CA TYR B 56 -3.99 4.08 -19.59
C TYR B 56 -4.52 5.51 -19.62
N GLY B 57 -5.47 5.76 -20.52
CA GLY B 57 -6.00 7.10 -20.66
C GLY B 57 -4.88 8.04 -21.02
N SER B 58 -4.75 9.13 -20.27
CA SER B 58 -3.70 10.12 -20.52
C SER B 58 -2.43 9.86 -19.71
N ALA B 59 -2.39 8.74 -18.98
CA ALA B 59 -1.23 8.44 -18.17
C ALA B 59 -0.35 7.28 -18.63
N GLU B 60 0.93 7.37 -18.32
CA GLU B 60 1.87 6.31 -18.65
C GLU B 60 2.13 5.65 -17.29
N VAL B 61 1.82 4.37 -17.19
CA VAL B 61 1.99 3.63 -15.95
C VAL B 61 3.18 2.68 -16.01
N PHE B 62 3.93 2.62 -14.92
CA PHE B 62 5.10 1.75 -14.88
C PHE B 62 4.93 0.67 -13.84
N VAL B 63 5.55 -0.48 -14.05
CA VAL B 63 5.48 -1.59 -13.09
C VAL B 63 6.88 -2.19 -12.93
N GLN B 64 7.20 -2.63 -11.72
CA GLN B 64 8.50 -3.23 -11.47
C GLN B 64 8.44 -4.43 -10.54
N LEU B 65 9.15 -5.47 -10.92
CA LEU B 65 9.25 -6.67 -10.12
C LEU B 65 10.75 -6.73 -9.85
N SER B 66 11.15 -6.55 -8.60
CA SER B 66 12.57 -6.55 -8.26
C SER B 66 13.18 -7.95 -8.12
N GLY B 67 12.33 -8.96 -8.06
CA GLY B 67 12.83 -10.32 -7.90
C GLY B 67 11.65 -11.25 -7.75
N HIS B 68 11.92 -12.49 -7.36
CA HIS B 68 10.86 -13.48 -7.21
C HIS B 68 10.67 -14.08 -5.82
N THR B 69 11.39 -13.58 -4.83
CA THR B 69 11.24 -14.13 -3.50
C THR B 69 10.22 -13.34 -2.68
N GLU B 70 9.74 -13.95 -1.60
CA GLU B 70 8.75 -13.33 -0.72
C GLU B 70 9.12 -11.92 -0.22
N GLU B 71 10.41 -11.62 -0.10
CA GLU B 71 10.83 -10.30 0.38
C GLU B 71 11.01 -9.26 -0.73
N ASP B 72 10.84 -9.68 -1.98
CA ASP B 72 11.00 -8.78 -3.10
C ASP B 72 9.81 -7.87 -3.30
N PHE B 73 9.98 -6.85 -4.14
CA PHE B 73 8.93 -5.88 -4.34
C PHE B 73 8.24 -5.76 -5.70
N LEU B 74 7.01 -5.29 -5.62
CA LEU B 74 6.19 -5.02 -6.78
C LEU B 74 5.88 -3.55 -6.59
N THR B 75 6.32 -2.73 -7.53
CA THR B 75 6.09 -1.31 -7.45
C THR B 75 5.37 -0.87 -8.70
N ILE B 76 4.22 -0.22 -8.51
CA ILE B 76 3.40 0.27 -9.60
C ILE B 76 3.29 1.79 -9.40
N TRP B 77 3.69 2.57 -10.39
CA TRP B 77 3.65 4.02 -10.27
C TRP B 77 3.44 4.76 -11.59
N SER B 78 3.13 6.05 -11.49
CA SER B 78 2.90 6.88 -12.68
C SER B 78 3.08 8.37 -12.39
N PRO B 79 3.75 9.11 -13.28
CA PRO B 79 3.93 10.55 -13.07
C PRO B 79 2.63 11.31 -13.45
N VAL B 80 2.15 12.16 -12.54
CA VAL B 80 0.90 12.89 -12.77
C VAL B 80 0.99 14.41 -12.84
N LEU B 81 2.13 14.97 -12.47
CA LEU B 81 2.29 16.42 -12.51
C LEU B 81 3.74 16.83 -12.28
N PRO B 82 4.36 17.49 -13.27
CA PRO B 82 5.74 17.93 -13.13
C PRO B 82 5.90 19.11 -12.17
N LEU B 83 6.99 19.12 -11.41
CA LEU B 83 7.25 20.19 -10.47
C LEU B 83 8.48 20.92 -10.97
N PRO B 84 8.68 22.20 -10.59
CA PRO B 84 7.89 23.10 -9.72
C PRO B 84 6.50 23.44 -10.19
N VAL B 85 5.73 24.05 -9.29
CA VAL B 85 4.37 24.49 -9.56
C VAL B 85 4.22 25.78 -8.73
N ALA B 86 3.29 26.65 -9.10
CA ALA B 86 3.15 27.91 -8.37
C ALA B 86 2.79 27.79 -6.89
N ASP B 87 1.65 27.17 -6.59
CA ASP B 87 1.21 27.03 -5.20
C ASP B 87 1.56 25.64 -4.64
N GLU B 88 2.84 25.38 -4.38
CA GLU B 88 3.25 24.07 -3.86
C GLU B 88 2.65 23.74 -2.51
N LEU B 89 2.42 24.74 -1.67
CA LEU B 89 1.85 24.48 -0.37
C LEU B 89 0.43 23.96 -0.52
N ALA B 90 -0.34 24.58 -1.40
CA ALA B 90 -1.70 24.17 -1.63
C ALA B 90 -1.78 22.80 -2.30
N LEU B 91 -0.83 22.52 -3.18
CA LEU B 91 -0.80 21.23 -3.88
C LEU B 91 -0.47 20.10 -2.91
N TYR B 92 0.66 20.22 -2.23
CA TYR B 92 1.10 19.22 -1.27
C TYR B 92 0.04 18.93 -0.21
N ARG B 93 -0.70 19.96 0.19
CA ARG B 93 -1.74 19.78 1.18
C ARG B 93 -2.86 18.94 0.59
N LYS B 94 -3.22 19.22 -0.66
CA LYS B 94 -4.28 18.48 -1.31
C LYS B 94 -3.90 17.02 -1.51
N LEU B 95 -2.66 16.79 -1.92
CA LEU B 95 -2.17 15.44 -2.15
C LEU B 95 -2.15 14.63 -0.84
N LEU B 96 -1.63 15.22 0.23
CA LEU B 96 -1.57 14.54 1.52
C LEU B 96 -2.95 14.37 2.15
N THR B 97 -3.96 15.04 1.61
CA THR B 97 -5.32 14.93 2.12
C THR B 97 -6.07 13.83 1.40
N LEU B 98 -5.78 13.68 0.11
CA LEU B 98 -6.41 12.63 -0.67
C LEU B 98 -5.73 11.32 -0.25
N ASN B 99 -4.50 11.43 0.25
CA ASN B 99 -3.77 10.27 0.70
C ASN B 99 -4.47 9.61 1.88
N TRP B 100 -5.47 10.28 2.43
CA TRP B 100 -6.19 9.73 3.55
C TRP B 100 -7.41 8.93 3.08
N LEU B 101 -7.20 7.63 2.93
CA LEU B 101 -8.23 6.68 2.50
C LEU B 101 -8.67 6.75 1.05
N THR B 102 -8.81 7.96 0.52
CA THR B 102 -9.26 8.15 -0.86
C THR B 102 -8.44 7.45 -1.95
N THR B 103 -7.13 7.32 -1.74
CA THR B 103 -6.26 6.68 -2.72
C THR B 103 -6.15 5.16 -2.57
N PHE B 104 -6.83 4.60 -1.59
CA PHE B 104 -6.81 3.16 -1.35
C PHE B 104 -5.41 2.58 -1.05
N GLU B 105 -5.05 1.47 -1.69
CA GLU B 105 -3.73 0.88 -1.46
C GLU B 105 -2.62 1.76 -2.03
N ALA B 106 -3.01 2.67 -2.93
CA ALA B 106 -2.08 3.60 -3.55
C ALA B 106 -1.97 4.89 -2.74
N HIS B 107 -1.20 5.84 -3.27
CA HIS B 107 -1.00 7.14 -2.63
C HIS B 107 -0.11 8.04 -3.48
N PHE B 108 -0.07 9.33 -3.13
CA PHE B 108 0.74 10.32 -3.82
C PHE B 108 2.09 10.49 -3.14
N ALA B 109 3.10 10.77 -3.95
CA ALA B 109 4.45 10.97 -3.46
C ALA B 109 5.17 11.91 -4.42
N ILE B 110 6.43 12.20 -4.12
CA ILE B 110 7.26 13.05 -4.97
C ILE B 110 8.51 12.27 -5.29
N ALA B 111 8.95 12.34 -6.54
CA ALA B 111 10.16 11.63 -6.95
C ALA B 111 10.69 12.23 -8.25
N GLU B 112 12.00 12.48 -8.30
CA GLU B 112 12.62 13.06 -9.49
C GLU B 112 11.89 14.27 -10.06
N GLU B 113 11.64 15.25 -9.20
CA GLU B 113 10.98 16.49 -9.62
C GLU B 113 9.61 16.28 -10.23
N GLN B 114 8.92 15.22 -9.84
CA GLN B 114 7.61 14.98 -10.40
C GLN B 114 6.69 14.30 -9.40
N VAL B 115 5.42 14.70 -9.40
CA VAL B 115 4.44 14.09 -8.48
C VAL B 115 4.10 12.71 -9.00
N GLN B 116 4.21 11.70 -8.13
CA GLN B 116 3.91 10.31 -8.52
C GLN B 116 2.71 9.74 -7.78
N VAL B 117 2.04 8.78 -8.43
CA VAL B 117 0.94 8.04 -7.83
C VAL B 117 1.63 6.68 -7.73
N VAL B 118 1.58 6.05 -6.58
CA VAL B 118 2.28 4.79 -6.41
C VAL B 118 1.73 3.82 -5.36
N ALA B 119 2.04 2.55 -5.55
CA ALA B 119 1.64 1.50 -4.64
C ALA B 119 2.82 0.54 -4.67
N SER B 120 3.34 0.20 -3.48
CA SER B 120 4.49 -0.67 -3.40
C SER B 120 4.28 -1.74 -2.34
N ARG B 121 4.58 -2.98 -2.67
CA ARG B 121 4.43 -4.02 -1.68
C ARG B 121 5.33 -5.21 -1.89
N THR B 122 5.40 -6.00 -0.84
CA THR B 122 6.17 -7.21 -0.78
C THR B 122 5.40 -8.33 -1.49
N LEU B 123 6.09 -9.35 -1.98
CA LEU B 123 5.45 -10.44 -2.69
C LEU B 123 4.84 -11.51 -1.82
N GLY B 124 5.20 -11.51 -0.55
CA GLY B 124 4.65 -12.49 0.38
C GLY B 124 3.14 -12.52 0.40
N GLY B 125 2.56 -13.68 0.10
CA GLY B 125 1.11 -13.86 0.11
C GLY B 125 0.32 -13.22 -1.02
N ILE B 126 1.03 -12.74 -2.03
CA ILE B 126 0.36 -12.07 -3.14
C ILE B 126 -0.41 -13.02 -4.07
N THR B 127 -1.52 -12.52 -4.60
CA THR B 127 -2.36 -13.30 -5.49
C THR B 127 -2.54 -12.59 -6.82
N ALA B 128 -3.05 -13.32 -7.81
CA ALA B 128 -3.28 -12.74 -9.11
C ALA B 128 -4.29 -11.60 -8.95
N GLY B 129 -5.31 -11.86 -8.13
CA GLY B 129 -6.32 -10.86 -7.89
C GLY B 129 -5.80 -9.53 -7.36
N GLU B 130 -4.84 -9.58 -6.44
CA GLU B 130 -4.29 -8.36 -5.84
C GLU B 130 -3.42 -7.57 -6.82
N ILE B 131 -2.72 -8.30 -7.68
CA ILE B 131 -1.86 -7.69 -8.68
C ILE B 131 -2.72 -6.90 -9.65
N SER B 132 -3.79 -7.53 -10.11
CA SER B 132 -4.71 -6.89 -11.04
C SER B 132 -5.37 -5.66 -10.41
N ARG B 133 -5.68 -5.74 -9.11
CA ARG B 133 -6.31 -4.63 -8.42
C ARG B 133 -5.36 -3.45 -8.21
N LEU B 134 -4.14 -3.72 -7.76
CA LEU B 134 -3.18 -2.64 -7.52
C LEU B 134 -2.85 -1.88 -8.79
N ILE B 135 -2.63 -2.61 -9.88
CA ILE B 135 -2.29 -1.99 -11.14
C ILE B 135 -3.46 -1.14 -11.64
N THR B 136 -4.68 -1.64 -11.47
CA THR B 136 -5.87 -0.90 -11.91
C THR B 136 -6.04 0.37 -11.07
N ILE B 137 -5.83 0.21 -9.77
CA ILE B 137 -5.97 1.34 -8.87
C ILE B 137 -5.01 2.46 -9.22
N VAL B 138 -3.74 2.15 -9.45
CA VAL B 138 -2.77 3.18 -9.80
C VAL B 138 -3.09 3.76 -11.17
N ALA B 139 -3.44 2.89 -12.11
CA ALA B 139 -3.74 3.32 -13.47
C ALA B 139 -4.92 4.28 -13.53
N THR B 140 -6.00 3.97 -12.84
CA THR B 140 -7.16 4.84 -12.89
C THR B 140 -6.94 6.12 -12.07
N LEU B 141 -6.20 6.03 -10.97
CA LEU B 141 -5.93 7.22 -10.16
C LEU B 141 -5.10 8.22 -10.96
N ALA B 142 -4.14 7.69 -11.72
CA ALA B 142 -3.25 8.51 -12.54
C ALA B 142 -4.01 9.18 -13.69
N ASP B 143 -4.85 8.42 -14.37
CA ASP B 143 -5.62 8.96 -15.48
C ASP B 143 -6.58 10.04 -15.00
N ASP B 144 -7.17 9.86 -13.81
CA ASP B 144 -8.09 10.83 -13.24
C ASP B 144 -7.42 12.12 -12.81
N TYR B 145 -6.33 12.02 -12.06
CA TYR B 145 -5.67 13.21 -11.56
C TYR B 145 -4.62 13.98 -12.38
N ASP B 146 -3.99 13.37 -13.38
CA ASP B 146 -2.99 14.15 -14.12
C ASP B 146 -3.63 15.37 -14.80
N ASP B 147 -4.85 15.21 -15.31
CA ASP B 147 -5.53 16.32 -15.96
C ASP B 147 -6.07 17.29 -14.91
N ALA B 148 -6.75 16.73 -13.92
CA ALA B 148 -7.30 17.55 -12.87
C ALA B 148 -6.21 18.37 -12.20
N LEU B 149 -5.07 17.76 -11.93
CA LEU B 149 -4.00 18.48 -11.25
C LEU B 149 -3.31 19.55 -12.08
N ARG B 150 -3.26 19.31 -13.39
CA ARG B 150 -2.63 20.25 -14.33
C ARG B 150 -3.52 21.49 -14.41
N ALA B 151 -4.82 21.25 -14.55
CA ALA B 151 -5.78 22.33 -14.64
C ALA B 151 -5.66 23.26 -13.43
N GLU B 152 -5.83 22.70 -12.24
CA GLU B 152 -5.79 23.48 -11.01
C GLU B 152 -4.46 24.09 -10.58
N PHE B 153 -3.33 23.56 -11.03
CA PHE B 153 -2.05 24.12 -10.59
C PHE B 153 -1.11 24.55 -11.68
N LYS B 154 -1.25 23.97 -12.86
CA LYS B 154 -0.41 24.35 -13.98
C LYS B 154 -1.06 25.52 -14.72
#